data_5NLH
#
_entry.id   5NLH
#
_cell.length_a   80.742
_cell.length_b   80.742
_cell.length_c   39.238
_cell.angle_alpha   90.00
_cell.angle_beta   90.00
_cell.angle_gamma   90.00
#
_symmetry.space_group_name_H-M   'P 42 21 2'
#
loop_
_entity.id
_entity.type
_entity.pdbx_description
1 polymer Galectin
2 branched beta-D-galactopyranose-(1-4)-alpha-D-glucopyranose
3 water water
#
_entity_poly.entity_id   1
_entity_poly.type   'polypeptide(L)'
_entity_poly.pdbx_seq_one_letter_code
;MALRFEALYPEGMCPGWSVVVKGKTSSNTSMFEINFLSHPGDQIAFHFNPRFASSRIVCNSFLANHWGKEEVNKTFPFEA
KEPFQVEIYSDQDYFHIFIDENKILQYKHRQKQLSSITKLQILNDIEISSVEITKRGLY
;
_entity_poly.pdbx_strand_id   A
#
loop_
_chem_comp.id
_chem_comp.type
_chem_comp.name
_chem_comp.formula
GAL D-saccharide, beta linking beta-D-galactopyranose 'C6 H12 O6'
GLC D-saccharide, alpha linking alpha-D-glucopyranose 'C6 H12 O6'
#
# COMPACT_ATOMS: atom_id res chain seq x y z
N ALA A 2 -11.85 -5.42 -8.08
CA ALA A 2 -12.13 -6.61 -7.29
C ALA A 2 -11.20 -6.74 -6.10
N LEU A 3 -11.78 -7.00 -4.94
N LEU A 3 -11.79 -7.00 -4.95
CA LEU A 3 -11.02 -7.13 -3.70
CA LEU A 3 -11.06 -7.16 -3.71
C LEU A 3 -10.33 -8.48 -3.64
C LEU A 3 -10.32 -8.49 -3.72
N ARG A 4 -9.00 -8.45 -3.50
CA ARG A 4 -8.20 -9.67 -3.44
CA ARG A 4 -8.20 -9.67 -3.42
C ARG A 4 -7.88 -10.07 -1.99
N PHE A 5 -7.74 -9.09 -1.11
CA PHE A 5 -7.38 -9.35 0.28
C PHE A 5 -7.77 -8.14 1.13
N GLU A 6 -8.25 -8.40 2.34
CA GLU A 6 -8.48 -7.34 3.32
C GLU A 6 -8.07 -7.85 4.68
N ALA A 7 -7.53 -6.96 5.50
CA ALA A 7 -7.25 -7.27 6.89
C ALA A 7 -7.69 -6.11 7.77
N LEU A 8 -8.10 -6.45 8.98
CA LEU A 8 -8.56 -5.49 9.98
C LEU A 8 -7.84 -5.80 11.28
N TYR A 9 -7.26 -4.75 11.88
CA TYR A 9 -6.61 -4.82 13.18
C TYR A 9 -7.16 -3.63 13.98
N PRO A 10 -8.25 -3.85 14.74
CA PRO A 10 -8.98 -2.71 15.31
C PRO A 10 -8.21 -1.83 16.28
N GLU A 11 -7.14 -2.33 16.88
CA GLU A 11 -6.34 -1.53 17.81
C GLU A 11 -5.46 -0.52 17.06
N GLY A 12 -5.36 -0.62 15.74
CA GLY A 12 -4.56 0.31 14.94
C GLY A 12 -3.22 -0.27 14.53
N MET A 13 -2.98 -0.29 13.22
CA MET A 13 -1.74 -0.90 12.69
CA MET A 13 -1.83 -0.87 12.58
C MET A 13 -0.81 0.16 12.13
N CYS A 14 -0.71 1.29 12.82
CA CYS A 14 0.14 2.41 12.40
C CYS A 14 0.33 3.31 13.61
N PRO A 15 1.53 3.87 13.81
CA PRO A 15 2.80 3.62 13.13
C PRO A 15 3.48 2.39 13.72
N GLY A 16 4.61 2.02 13.14
CA GLY A 16 5.43 0.95 13.68
C GLY A 16 5.07 -0.45 13.24
N TRP A 17 4.39 -0.58 12.11
CA TRP A 17 4.04 -1.87 11.54
C TRP A 17 4.55 -1.95 10.12
N SER A 18 4.92 -3.16 9.74
CA SER A 18 5.19 -3.49 8.36
C SER A 18 4.11 -4.38 7.76
N VAL A 19 3.79 -4.12 6.51
CA VAL A 19 2.96 -4.98 5.69
C VAL A 19 3.81 -5.42 4.53
N VAL A 20 3.94 -6.73 4.36
CA VAL A 20 4.75 -7.29 3.28
C VAL A 20 3.83 -8.12 2.41
N VAL A 21 3.73 -7.75 1.14
CA VAL A 21 2.85 -8.39 0.16
C VAL A 21 3.74 -8.99 -0.92
N LYS A 22 3.57 -10.29 -1.15
CA LYS A 22 4.27 -10.98 -2.22
C LYS A 22 3.24 -11.48 -3.21
N GLY A 23 3.58 -11.37 -4.49
CA GLY A 23 2.69 -11.85 -5.52
C GLY A 23 3.20 -11.44 -6.88
N LYS A 24 2.34 -11.53 -7.89
CA LYS A 24 2.68 -11.12 -9.23
C LYS A 24 1.39 -10.69 -9.94
N THR A 25 1.51 -9.90 -11.00
CA THR A 25 0.36 -9.56 -11.81
C THR A 25 0.05 -10.66 -12.80
N SER A 26 -1.18 -10.65 -13.30
CA SER A 26 -1.60 -11.57 -14.35
CA SER A 26 -1.58 -11.57 -14.35
CA SER A 26 -1.62 -11.56 -14.35
C SER A 26 -1.33 -10.97 -15.72
N SER A 27 -1.29 -9.64 -15.80
CA SER A 27 -1.25 -8.91 -17.05
CA SER A 27 -1.16 -8.97 -17.07
C SER A 27 -0.21 -7.80 -16.98
N ASN A 28 0.16 -7.26 -18.13
CA ASN A 28 0.92 -6.01 -18.17
C ASN A 28 0.05 -4.82 -18.60
N THR A 29 -1.26 -4.98 -18.52
CA THR A 29 -2.20 -3.99 -19.06
C THR A 29 -3.06 -3.34 -18.01
N SER A 30 -2.92 -3.78 -16.76
CA SER A 30 -3.85 -3.36 -15.73
C SER A 30 -3.06 -2.72 -14.58
N MET A 31 -3.53 -2.91 -13.36
CA MET A 31 -2.99 -2.19 -12.19
C MET A 31 -3.46 -2.93 -10.95
N PHE A 32 -2.81 -2.67 -9.82
CA PHE A 32 -3.32 -3.10 -8.54
C PHE A 32 -3.16 -1.98 -7.54
N GLU A 33 -3.79 -2.12 -6.39
CA GLU A 33 -3.57 -1.15 -5.35
C GLU A 33 -3.53 -1.80 -3.99
N ILE A 34 -2.74 -1.18 -3.12
CA ILE A 34 -2.70 -1.49 -1.69
C ILE A 34 -3.12 -0.22 -0.97
N ASN A 35 -4.21 -0.31 -0.23
CA ASN A 35 -4.81 0.83 0.46
C ASN A 35 -4.81 0.61 1.95
N PHE A 36 -4.42 1.65 2.69
CA PHE A 36 -4.54 1.70 4.14
C PHE A 36 -5.69 2.63 4.48
N LEU A 37 -6.67 2.11 5.20
CA LEU A 37 -7.90 2.83 5.48
CA LEU A 37 -7.90 2.84 5.47
C LEU A 37 -8.00 3.21 6.94
N SER A 38 -8.54 4.40 7.18
CA SER A 38 -8.74 4.90 8.53
C SER A 38 -10.22 4.90 8.92
N HIS A 39 -10.44 4.72 10.22
CA HIS A 39 -11.73 4.59 10.83
C HIS A 39 -11.96 5.74 11.82
N PRO A 40 -13.18 6.30 11.89
CA PRO A 40 -14.35 5.99 11.07
C PRO A 40 -14.21 6.61 9.68
N GLY A 41 -15.04 6.12 8.77
CA GLY A 41 -15.17 6.69 7.45
C GLY A 41 -14.58 5.86 6.33
N ASP A 42 -13.71 4.91 6.67
CA ASP A 42 -13.02 4.11 5.68
C ASP A 42 -12.35 5.04 4.63
N GLN A 43 -11.76 6.12 5.13
CA GLN A 43 -11.00 7.03 4.29
C GLN A 43 -9.70 6.35 3.88
N ILE A 44 -9.11 6.75 2.76
CA ILE A 44 -7.86 6.12 2.33
C ILE A 44 -6.68 6.98 2.76
N ALA A 45 -6.06 6.59 3.86
CA ALA A 45 -4.88 7.26 4.38
C ALA A 45 -3.72 7.17 3.40
N PHE A 46 -3.56 6.01 2.79
CA PHE A 46 -2.46 5.79 1.85
C PHE A 46 -2.90 4.81 0.79
N HIS A 47 -2.82 5.27 -0.46
CA HIS A 47 -3.16 4.52 -1.66
C HIS A 47 -1.86 4.35 -2.45
N PHE A 48 -1.45 3.10 -2.66
CA PHE A 48 -0.25 2.73 -3.40
C PHE A 48 -0.72 1.99 -4.65
N ASN A 49 -0.52 2.58 -5.82
CA ASN A 49 -1.19 2.12 -7.04
C ASN A 49 -0.24 1.97 -8.22
N PRO A 50 0.41 0.79 -8.34
CA PRO A 50 1.21 0.50 -9.53
C PRO A 50 0.31 0.28 -10.74
N ARG A 51 0.55 1.10 -11.76
CA ARG A 51 -0.20 1.06 -13.00
C ARG A 51 0.68 0.53 -14.12
N PHE A 52 0.43 -0.70 -14.55
CA PHE A 52 1.33 -1.38 -15.48
C PHE A 52 1.19 -0.89 -16.91
N ALA A 53 0.01 -0.41 -17.29
CA ALA A 53 -0.16 0.06 -18.67
C ALA A 53 0.75 1.26 -18.96
N SER A 54 0.96 2.10 -17.94
CA SER A 54 1.75 3.32 -18.10
C SER A 54 3.09 3.23 -17.37
N SER A 55 3.36 2.12 -16.71
CA SER A 55 4.54 1.96 -15.87
C SER A 55 4.76 3.12 -14.92
N ARG A 56 3.74 3.41 -14.13
CA ARG A 56 3.85 4.43 -13.08
C ARG A 56 3.25 3.96 -11.79
N ILE A 57 3.95 4.23 -10.69
CA ILE A 57 3.40 4.07 -9.36
C ILE A 57 2.82 5.41 -8.94
N VAL A 58 1.52 5.41 -8.66
CA VAL A 58 0.82 6.60 -8.19
C VAL A 58 0.46 6.39 -6.72
N CYS A 59 0.83 7.36 -5.88
CA CYS A 59 0.44 7.36 -4.47
C CYS A 59 -0.42 8.58 -4.17
N ASN A 60 -1.40 8.42 -3.28
CA ASN A 60 -2.28 9.51 -2.92
C ASN A 60 -3.04 9.13 -1.65
N SER A 61 -3.92 10.03 -1.22
CA SER A 61 -4.84 9.82 -0.11
C SER A 61 -6.22 10.29 -0.55
N PHE A 62 -7.26 9.65 -0.01
CA PHE A 62 -8.64 10.04 -0.25
C PHE A 62 -9.22 10.41 1.10
N LEU A 63 -9.30 11.71 1.36
CA LEU A 63 -9.67 12.27 2.67
C LEU A 63 -10.73 13.33 2.40
N ALA A 64 -11.74 13.38 3.28
CA ALA A 64 -12.83 14.34 3.13
C ALA A 64 -13.42 14.29 1.71
N ASN A 65 -13.58 13.07 1.21
CA ASN A 65 -14.29 12.82 -0.04
C ASN A 65 -13.56 13.30 -1.30
N HIS A 66 -12.25 13.51 -1.22
CA HIS A 66 -11.48 13.91 -2.39
C HIS A 66 -10.12 13.26 -2.43
N TRP A 67 -9.65 12.95 -3.63
CA TRP A 67 -8.25 12.61 -3.82
C TRP A 67 -7.41 13.89 -3.68
N GLY A 68 -6.24 13.76 -3.06
CA GLY A 68 -5.31 14.87 -2.95
C GLY A 68 -4.37 14.95 -4.12
N LYS A 69 -3.21 15.54 -3.88
CA LYS A 69 -2.18 15.67 -4.92
C LYS A 69 -1.49 14.33 -5.12
N GLU A 70 -1.37 13.91 -6.36
CA GLU A 70 -0.68 12.67 -6.65
C GLU A 70 0.81 12.80 -6.43
N GLU A 71 1.41 11.76 -5.87
CA GLU A 71 2.85 11.63 -5.80
C GLU A 71 3.24 10.46 -6.68
N VAL A 72 3.91 10.76 -7.79
CA VAL A 72 4.21 9.76 -8.80
C VAL A 72 5.69 9.47 -8.81
N ASN A 73 6.03 8.21 -8.63
CA ASN A 73 7.43 7.82 -8.58
C ASN A 73 8.10 7.91 -9.95
N LYS A 74 9.39 8.21 -9.96
CA LYS A 74 10.14 8.25 -11.21
C LYS A 74 10.32 6.84 -11.80
N THR A 75 10.73 5.89 -10.98
CA THR A 75 11.02 4.55 -11.49
C THR A 75 9.82 3.61 -11.33
N PHE A 76 9.86 2.53 -12.09
CA PHE A 76 8.83 1.50 -12.04
C PHE A 76 9.50 0.13 -11.91
N PRO A 77 9.87 -0.27 -10.68
CA PRO A 77 10.67 -1.48 -10.49
C PRO A 77 9.84 -2.75 -10.35
N PHE A 78 8.80 -2.85 -11.15
CA PHE A 78 8.03 -4.08 -11.30
C PHE A 78 8.16 -4.58 -12.73
N GLU A 79 7.99 -5.89 -12.88
CA GLU A 79 7.83 -6.51 -14.17
C GLU A 79 6.55 -7.32 -14.12
N ALA A 80 5.71 -7.13 -15.12
CA ALA A 80 4.47 -7.88 -15.19
C ALA A 80 4.74 -9.38 -15.17
N LYS A 81 3.90 -10.10 -14.46
CA LYS A 81 3.94 -11.56 -14.40
C LYS A 81 5.17 -12.12 -13.69
N GLU A 82 5.95 -11.25 -13.06
CA GLU A 82 7.15 -11.66 -12.32
C GLU A 82 6.92 -11.42 -10.82
N PRO A 83 7.25 -12.40 -9.98
CA PRO A 83 7.04 -12.23 -8.55
C PRO A 83 7.79 -11.03 -8.00
N PHE A 84 7.11 -10.34 -7.09
CA PHE A 84 7.67 -9.21 -6.39
C PHE A 84 7.37 -9.31 -4.90
N GLN A 85 8.08 -8.50 -4.12
CA GLN A 85 7.80 -8.29 -2.71
C GLN A 85 7.68 -6.79 -2.47
N VAL A 86 6.56 -6.35 -1.93
CA VAL A 86 6.36 -4.97 -1.56
C VAL A 86 6.25 -4.92 -0.05
N GLU A 87 7.08 -4.09 0.60
CA GLU A 87 6.96 -3.85 2.03
C GLU A 87 6.61 -2.40 2.23
N ILE A 88 5.61 -2.18 3.09
CA ILE A 88 5.19 -0.84 3.52
CA ILE A 88 5.22 -0.84 3.49
C ILE A 88 5.40 -0.77 5.00
N TYR A 89 6.29 0.11 5.45
CA TYR A 89 6.60 0.26 6.87
C TYR A 89 6.28 1.69 7.27
N SER A 90 5.57 1.87 8.37
CA SER A 90 5.20 3.19 8.85
C SER A 90 6.00 3.62 10.07
N ASP A 91 6.50 4.84 10.03
CA ASP A 91 6.99 5.46 11.26
C ASP A 91 6.11 6.66 11.55
N GLN A 92 6.55 7.54 12.45
CA GLN A 92 5.71 8.66 12.86
CA GLN A 92 5.72 8.66 12.86
C GLN A 92 5.48 9.69 11.77
N ASP A 93 6.32 9.65 10.73
CA ASP A 93 6.32 10.70 9.71
C ASP A 93 5.96 10.23 8.30
N TYR A 94 6.27 8.97 7.96
CA TYR A 94 6.09 8.48 6.59
C TYR A 94 5.63 7.04 6.56
N PHE A 95 5.02 6.69 5.43
CA PHE A 95 5.05 5.31 4.93
C PHE A 95 6.31 5.17 4.07
N HIS A 96 7.09 4.12 4.33
CA HIS A 96 8.30 3.80 3.58
C HIS A 96 8.02 2.57 2.74
N ILE A 97 8.27 2.67 1.44
CA ILE A 97 7.94 1.60 0.51
CA ILE A 97 7.96 1.60 0.50
C ILE A 97 9.24 0.97 -0.01
N PHE A 98 9.30 -0.36 0.08
CA PHE A 98 10.42 -1.15 -0.43
C PHE A 98 9.87 -2.15 -1.43
N ILE A 99 10.55 -2.30 -2.56
CA ILE A 99 10.17 -3.29 -3.56
C ILE A 99 11.40 -4.15 -3.80
N ASP A 100 11.23 -5.45 -3.60
CA ASP A 100 12.33 -6.40 -3.76
C ASP A 100 13.56 -5.97 -2.95
N GLU A 101 13.29 -5.48 -1.74
CA GLU A 101 14.29 -5.10 -0.72
C GLU A 101 15.05 -3.82 -1.02
N ASN A 102 14.63 -3.07 -2.04
CA ASN A 102 15.16 -1.76 -2.32
C ASN A 102 14.16 -0.71 -1.86
N LYS A 103 14.63 0.32 -1.17
CA LYS A 103 13.76 1.43 -0.81
CA LYS A 103 13.77 1.45 -0.81
C LYS A 103 13.43 2.21 -2.08
N ILE A 104 12.14 2.47 -2.28
CA ILE A 104 11.66 3.11 -3.51
C ILE A 104 11.16 4.53 -3.27
N LEU A 105 10.38 4.73 -2.23
CA LEU A 105 9.78 6.03 -1.97
C LEU A 105 9.34 6.12 -0.52
N GLN A 106 9.16 7.36 -0.09
CA GLN A 106 8.55 7.71 1.19
CA GLN A 106 8.46 7.59 1.15
C GLN A 106 7.31 8.55 0.90
N TYR A 107 6.25 8.36 1.66
CA TYR A 107 5.03 9.13 1.52
C TYR A 107 4.67 9.71 2.87
N LYS A 108 4.72 11.04 2.97
CA LYS A 108 4.49 11.71 4.24
C LYS A 108 3.03 11.56 4.65
N HIS A 109 2.80 11.24 5.92
CA HIS A 109 1.43 11.11 6.41
C HIS A 109 0.61 12.37 6.18
N ARG A 110 -0.57 12.20 5.59
CA ARG A 110 -1.56 13.26 5.45
C ARG A 110 -2.66 13.08 6.50
N GLN A 111 -3.13 11.85 6.67
CA GLN A 111 -3.94 11.45 7.81
C GLN A 111 -3.02 11.32 9.01
N LYS A 112 -3.07 12.30 9.90
CA LYS A 112 -2.16 12.34 11.04
C LYS A 112 -2.62 11.45 12.17
N GLN A 113 -3.87 11.00 12.13
CA GLN A 113 -4.40 10.12 13.16
C GLN A 113 -4.01 8.70 12.84
N LEU A 114 -2.75 8.40 13.06
CA LEU A 114 -2.16 7.14 12.60
C LEU A 114 -2.85 5.94 13.24
N SER A 115 -3.20 6.05 14.52
CA SER A 115 -3.78 4.92 15.22
CA SER A 115 -3.81 4.94 15.25
C SER A 115 -5.19 4.57 14.73
N SER A 116 -5.79 5.44 13.90
CA SER A 116 -7.09 5.11 13.34
CA SER A 116 -7.09 5.16 13.31
C SER A 116 -6.99 4.30 12.05
N ILE A 117 -5.76 4.02 11.61
CA ILE A 117 -5.55 3.21 10.43
C ILE A 117 -5.60 1.75 10.87
N THR A 118 -6.74 1.12 10.61
CA THR A 118 -7.03 -0.21 11.11
C THR A 118 -7.20 -1.25 10.01
N LYS A 119 -7.24 -0.83 8.73
CA LYS A 119 -7.62 -1.74 7.67
C LYS A 119 -6.69 -1.60 6.48
N LEU A 120 -6.45 -2.75 5.86
CA LEU A 120 -5.64 -2.91 4.67
C LEU A 120 -6.53 -3.54 3.62
N GLN A 121 -6.54 -3.01 2.39
CA GLN A 121 -7.20 -3.69 1.29
CA GLN A 121 -7.24 -3.62 1.27
C GLN A 121 -6.28 -3.74 0.10
N ILE A 122 -6.33 -4.86 -0.61
CA ILE A 122 -5.53 -5.07 -1.81
C ILE A 122 -6.50 -5.41 -2.92
N LEU A 123 -6.44 -4.63 -4.01
CA LEU A 123 -7.43 -4.69 -5.08
C LEU A 123 -6.79 -4.91 -6.44
N ASN A 124 -7.57 -5.54 -7.31
CA ASN A 124 -7.32 -5.60 -8.75
C ASN A 124 -6.25 -6.61 -9.15
N ASP A 125 -5.35 -6.28 -10.08
CA ASP A 125 -4.55 -7.29 -10.76
C ASP A 125 -3.29 -7.67 -10.00
N ILE A 126 -3.50 -8.46 -8.96
CA ILE A 126 -2.39 -9.04 -8.22
C ILE A 126 -2.84 -10.42 -7.76
N GLU A 127 -2.00 -11.41 -8.06
CA GLU A 127 -2.16 -12.78 -7.61
C GLU A 127 -1.27 -12.92 -6.39
N ILE A 128 -1.88 -12.90 -5.22
CA ILE A 128 -1.16 -12.86 -3.96
C ILE A 128 -0.61 -14.23 -3.58
N SER A 129 0.65 -14.27 -3.19
CA SER A 129 1.22 -15.48 -2.59
C SER A 129 1.41 -15.36 -1.07
N SER A 130 1.53 -14.15 -0.54
CA SER A 130 1.68 -13.97 0.89
CA SER A 130 1.56 -13.98 0.89
C SER A 130 1.33 -12.55 1.31
N VAL A 131 0.72 -12.41 2.48
CA VAL A 131 0.60 -11.12 3.16
C VAL A 131 1.05 -11.32 4.59
N GLU A 132 2.01 -10.51 5.03
CA GLU A 132 2.49 -10.50 6.41
C GLU A 132 2.23 -9.12 7.00
N ILE A 133 1.68 -9.08 8.20
CA ILE A 133 1.42 -7.84 8.91
C ILE A 133 2.11 -8.00 10.27
N THR A 134 3.14 -7.20 10.52
CA THR A 134 4.03 -7.42 11.66
C THR A 134 4.34 -6.12 12.39
N LYS A 135 4.25 -6.16 13.70
CA LYS A 135 4.62 -5.04 14.55
C LYS A 135 6.13 -4.98 14.66
N ARG A 136 6.74 -3.89 14.21
CA ARG A 136 8.21 -3.77 14.19
C ARG A 136 8.82 -3.00 15.33
N GLY A 137 8.11 -1.96 15.78
CA GLY A 137 8.73 -0.96 16.61
C GLY A 137 9.01 0.29 15.81
N LEU A 138 9.47 1.33 16.50
CA LEU A 138 9.85 2.58 15.85
C LEU A 138 11.23 2.45 15.23
C1 GLC B . -6.43 12.07 -13.71
C2 GLC B . -5.25 11.34 -13.13
C3 GLC B . -5.62 9.99 -12.68
C4 GLC B . -6.82 10.02 -11.78
C5 GLC B . -7.98 10.71 -12.48
C6 GLC B . -9.24 10.75 -11.63
O1 GLC B . -6.73 11.47 -14.92
O2 GLC B . -4.23 11.30 -14.15
O3 GLC B . -4.48 9.38 -12.02
O4 GLC B . -7.20 8.65 -11.49
O5 GLC B . -7.60 12.06 -12.83
O6 GLC B . -9.02 11.37 -10.38
H1 GLC B . -6.16 12.98 -13.87
H2 GLC B . -4.91 11.85 -12.35
H3 GLC B . -5.84 9.44 -13.49
H4 GLC B . -6.61 10.46 -10.97
H5 GLC B . -8.18 10.24 -13.27
H61 GLC B . -9.94 11.25 -12.12
H62 GLC B . -9.57 9.81 -11.48
HO1 GLC B . -6.84 10.56 -14.80
HO2 GLC B . -3.96 12.12 -14.34
HO3 GLC B . -3.98 10.03 -11.61
HO6 GLC B . -9.59 12.05 -10.28
C1 GAL B . -7.46 8.39 -10.16
C2 GAL B . -7.98 6.96 -10.02
C3 GAL B . -8.10 6.55 -8.60
C4 GAL B . -6.83 6.77 -7.85
C5 GAL B . -6.41 8.22 -8.04
C6 GAL B . -5.10 8.54 -7.34
O2 GAL B . -9.25 6.88 -10.70
O3 GAL B . -8.49 5.15 -8.55
O4 GAL B . -5.80 5.91 -8.34
O5 GAL B . -6.21 8.52 -9.44
O6 GAL B . -4.79 9.91 -7.52
H1 GAL B . -8.12 9.02 -9.82
H2 GAL B . -7.34 6.35 -10.48
H3 GAL B . -8.81 7.08 -8.17
H4 GAL B . -6.98 6.59 -6.90
H5 GAL B . -7.14 8.83 -7.67
H61 GAL B . -4.39 7.98 -7.73
H62 GAL B . -5.20 8.33 -6.36
HO2 GAL B . -9.50 6.06 -10.75
HO3 GAL B . -9.20 5.05 -8.00
HO4 GAL B . -6.17 5.24 -8.80
HO6 GAL B . -5.02 10.16 -8.35
#